data_6WN9
#
_entry.id   6WN9
#
_cell.length_a   39.510
_cell.length_b   78.860
_cell.length_c   106.590
_cell.angle_alpha   90.000
_cell.angle_beta   90.000
_cell.angle_gamma   90.000
#
_symmetry.space_group_name_H-M   'P 21 21 21'
#
loop_
_entity.id
_entity.type
_entity.pdbx_description
1 polymer Acetyltransferase
2 non-polymer 'ZINC ION'
3 water water
#
_entity_poly.entity_id   1
_entity_poly.type   'polypeptide(L)'
_entity_poly.pdbx_seq_one_letter_code
;AASSPLLIGDSVMVDIGNVFTKKIPNAQIDGKVGRQLVDATPIVKSQYKDYAKKGQKVVVELGTNGAFTKDQLNELLDSF
GKADIYLVSIRVPRDYEGRINKLIYEAAAARSNVHLVDWYKASAGHPEYFAYDGIHLEYAGSKALTDLIVKTMETHATN
;
_entity_poly.pdbx_strand_id   A,B
#
# COMPACT_ATOMS: atom_id res chain seq x y z
N SER A 3 13.85 19.16 -19.78
CA SER A 3 12.92 19.45 -18.69
C SER A 3 12.67 18.21 -17.83
N SER A 4 12.16 18.43 -16.63
CA SER A 4 11.99 17.33 -15.69
C SER A 4 10.83 16.43 -16.13
N PRO A 5 11.01 15.11 -16.12
CA PRO A 5 9.85 14.23 -16.31
C PRO A 5 9.06 14.10 -15.03
N LEU A 6 7.76 13.87 -15.19
CA LEU A 6 6.87 13.59 -14.06
C LEU A 6 6.58 12.10 -14.02
N LEU A 7 6.70 11.49 -12.84
CA LEU A 7 6.37 10.08 -12.66
C LEU A 7 5.30 9.98 -11.58
N ILE A 8 4.12 9.49 -11.94
CA ILE A 8 3.00 9.43 -11.00
C ILE A 8 2.51 7.99 -10.90
N GLY A 9 2.28 7.52 -9.68
CA GLY A 9 1.77 6.17 -9.56
C GLY A 9 1.50 5.75 -8.14
N ASP A 10 1.42 4.43 -7.95
CA ASP A 10 1.01 3.87 -6.67
C ASP A 10 2.21 3.27 -5.92
N SER A 11 2.01 2.17 -5.21
CA SER A 11 3.13 1.61 -4.45
C SER A 11 4.31 1.25 -5.34
N VAL A 12 4.06 0.92 -6.62
CA VAL A 12 5.19 0.59 -7.49
C VAL A 12 6.04 1.82 -7.75
N MET A 13 5.40 3.00 -7.86
CA MET A 13 6.16 4.22 -8.00
C MET A 13 6.95 4.53 -6.73
N VAL A 14 6.38 4.26 -5.56
CA VAL A 14 7.13 4.43 -4.33
C VAL A 14 8.37 3.53 -4.33
N ASP A 15 8.21 2.29 -4.81
CA ASP A 15 9.34 1.37 -4.82
C ASP A 15 10.46 1.84 -5.73
N ILE A 16 10.14 2.44 -6.88
CA ILE A 16 11.20 2.77 -7.83
C ILE A 16 11.67 4.21 -7.72
N GLY A 17 11.02 5.04 -6.89
CA GLY A 17 11.24 6.48 -6.98
C GLY A 17 12.67 6.91 -6.71
N ASN A 18 13.29 6.35 -5.67
CA ASN A 18 14.66 6.77 -5.34
C ASN A 18 15.68 6.17 -6.31
N VAL A 19 15.48 4.92 -6.73
CA VAL A 19 16.32 4.35 -7.78
C VAL A 19 16.24 5.21 -9.03
N PHE A 20 15.01 5.64 -9.38
CA PHE A 20 14.84 6.45 -10.58
C PHE A 20 15.53 7.79 -10.44
N THR A 21 15.38 8.46 -9.30
N THR A 21 15.40 8.46 -9.30
CA THR A 21 15.98 9.77 -9.10
CA THR A 21 16.01 9.79 -9.17
C THR A 21 17.51 9.70 -9.08
C THR A 21 17.53 9.72 -9.06
N LYS A 22 18.07 8.61 -8.55
CA LYS A 22 19.52 8.46 -8.60
C LYS A 22 20.01 8.42 -10.04
N LYS A 23 19.23 7.79 -10.92
CA LYS A 23 19.59 7.71 -12.33
C LYS A 23 19.29 9.01 -13.05
N ILE A 24 18.11 9.58 -12.82
CA ILE A 24 17.62 10.79 -13.50
C ILE A 24 17.39 11.86 -12.44
N PRO A 25 18.41 12.66 -12.12
CA PRO A 25 18.34 13.50 -10.91
C PRO A 25 17.21 14.51 -10.88
N ASN A 26 16.74 15.01 -12.01
CA ASN A 26 15.69 16.02 -11.98
C ASN A 26 14.28 15.43 -12.10
N ALA A 27 14.13 14.11 -11.96
CA ALA A 27 12.81 13.50 -12.04
C ALA A 27 11.92 13.99 -10.90
N GLN A 28 10.64 14.17 -11.20
CA GLN A 28 9.65 14.56 -10.19
C GLN A 28 8.79 13.34 -9.91
N ILE A 29 8.92 12.79 -8.69
CA ILE A 29 8.24 11.55 -8.31
C ILE A 29 7.02 11.90 -7.49
N ASP A 30 5.86 11.34 -7.87
CA ASP A 30 4.64 11.43 -7.08
C ASP A 30 4.09 10.01 -6.95
N GLY A 31 4.56 9.30 -5.93
CA GLY A 31 4.09 7.95 -5.65
C GLY A 31 3.34 7.90 -4.34
N LYS A 32 2.33 7.03 -4.28
CA LYS A 32 1.54 6.89 -3.05
C LYS A 32 1.03 5.46 -2.94
N VAL A 33 1.40 4.77 -1.86
CA VAL A 33 0.87 3.44 -1.63
C VAL A 33 -0.65 3.50 -1.56
N GLY A 34 -1.32 2.64 -2.33
CA GLY A 34 -2.76 2.54 -2.30
C GLY A 34 -3.48 3.47 -3.25
N ARG A 35 -2.76 4.29 -3.99
CA ARG A 35 -3.41 5.25 -4.88
C ARG A 35 -4.18 4.53 -5.97
N GLN A 36 -5.45 4.91 -6.13
CA GLN A 36 -6.28 4.42 -7.22
C GLN A 36 -6.17 5.39 -8.39
N LEU A 37 -6.28 4.84 -9.60
CA LEU A 37 -6.09 5.68 -10.79
C LEU A 37 -7.06 6.86 -10.81
N VAL A 38 -8.33 6.62 -10.42
CA VAL A 38 -9.34 7.68 -10.48
C VAL A 38 -8.95 8.87 -9.60
N ASP A 39 -8.12 8.65 -8.58
CA ASP A 39 -7.70 9.75 -7.74
C ASP A 39 -6.49 10.50 -8.29
N ALA A 40 -5.83 9.96 -9.31
CA ALA A 40 -4.71 10.65 -9.93
C ALA A 40 -5.17 11.82 -10.78
N THR A 41 -6.32 11.68 -11.45
CA THR A 41 -6.76 12.70 -12.39
C THR A 41 -6.97 14.07 -11.74
N PRO A 42 -7.65 14.19 -10.60
CA PRO A 42 -7.74 15.51 -9.97
C PRO A 42 -6.39 16.10 -9.59
N ILE A 43 -5.43 15.26 -9.22
CA ILE A 43 -4.09 15.73 -8.90
C ILE A 43 -3.43 16.31 -10.15
N VAL A 44 -3.54 15.61 -11.27
CA VAL A 44 -2.94 16.09 -12.51
C VAL A 44 -3.59 17.40 -12.94
N LYS A 45 -4.93 17.44 -12.89
CA LYS A 45 -5.62 18.64 -13.35
C LYS A 45 -5.31 19.85 -12.49
N SER A 46 -5.05 19.65 -11.19
CA SER A 46 -4.81 20.78 -10.30
C SER A 46 -3.33 21.08 -10.06
N GLN A 47 -2.44 20.12 -10.23
CA GLN A 47 -1.04 20.30 -9.88
C GLN A 47 -0.07 20.21 -11.05
N TYR A 48 -0.43 19.54 -12.14
CA TYR A 48 0.55 19.17 -13.15
C TYR A 48 0.18 19.69 -14.54
N LYS A 49 -0.55 20.81 -14.61
CA LYS A 49 -0.91 21.35 -15.92
C LYS A 49 0.31 21.69 -16.75
N ASP A 50 1.42 22.06 -16.12
CA ASP A 50 2.59 22.43 -16.89
C ASP A 50 3.37 21.21 -17.39
N TYR A 51 2.97 20.00 -17.01
CA TYR A 51 3.48 18.80 -17.64
C TYR A 51 2.62 18.32 -18.81
N ALA A 52 1.46 18.92 -19.02
CA ALA A 52 0.51 18.47 -20.05
C ALA A 52 0.72 19.19 -21.36
N LYS A 53 1.97 19.29 -21.78
CA LYS A 53 2.35 20.09 -22.93
C LYS A 53 3.22 19.29 -23.88
N LYS A 54 3.21 19.72 -25.15
CA LYS A 54 4.05 19.08 -26.16
C LYS A 54 5.52 19.12 -25.73
N GLY A 55 6.19 17.97 -25.86
CA GLY A 55 7.59 17.87 -25.49
C GLY A 55 7.84 17.48 -24.05
N GLN A 56 6.82 17.50 -23.21
CA GLN A 56 6.96 17.00 -21.84
C GLN A 56 6.84 15.49 -21.82
N LYS A 57 7.36 14.88 -20.76
CA LYS A 57 7.31 13.43 -20.60
C LYS A 57 6.74 13.09 -19.24
N VAL A 58 5.76 12.17 -19.23
CA VAL A 58 5.14 11.73 -18.00
CA VAL A 58 5.10 11.73 -18.02
C VAL A 58 5.07 10.21 -18.00
N VAL A 59 5.31 9.62 -16.84
CA VAL A 59 5.22 8.18 -16.66
C VAL A 59 4.05 7.89 -15.74
N VAL A 60 3.18 6.99 -16.17
CA VAL A 60 1.99 6.59 -15.42
C VAL A 60 2.17 5.14 -14.98
N GLU A 61 2.11 4.91 -13.68
CA GLU A 61 2.40 3.63 -13.03
C GLU A 61 1.23 3.34 -12.08
N LEU A 62 0.10 2.87 -12.63
CA LEU A 62 -1.11 2.71 -11.85
C LEU A 62 -1.80 1.40 -12.20
N GLY A 63 -2.54 0.86 -11.23
CA GLY A 63 -3.29 -0.37 -11.40
C GLY A 63 -2.84 -1.50 -10.50
N THR A 64 -1.58 -1.47 -10.04
CA THR A 64 -1.13 -2.54 -9.15
C THR A 64 -1.95 -2.55 -7.86
N ASN A 65 -2.28 -1.37 -7.34
CA ASN A 65 -3.01 -1.27 -6.08
C ASN A 65 -4.53 -1.19 -6.26
N GLY A 66 -5.04 -1.30 -7.49
CA GLY A 66 -6.47 -1.31 -7.66
C GLY A 66 -6.93 -1.25 -9.10
N ALA A 67 -8.07 -1.89 -9.40
CA ALA A 67 -8.62 -1.87 -10.74
C ALA A 67 -9.13 -0.47 -11.09
N PHE A 68 -9.19 -0.21 -12.40
CA PHE A 68 -9.80 1.01 -12.91
C PHE A 68 -10.54 0.66 -14.19
N THR A 69 -11.35 1.61 -14.67
CA THR A 69 -12.17 1.41 -15.86
C THR A 69 -11.57 2.12 -17.07
N LYS A 70 -12.10 1.79 -18.25
CA LYS A 70 -11.64 2.44 -19.48
C LYS A 70 -11.90 3.93 -19.44
N ASP A 71 -13.10 4.34 -18.99
CA ASP A 71 -13.42 5.76 -18.88
C ASP A 71 -12.46 6.46 -17.93
N GLN A 72 -12.14 5.84 -16.79
CA GLN A 72 -11.22 6.47 -15.84
C GLN A 72 -9.84 6.66 -16.47
N LEU A 73 -9.34 5.64 -17.17
CA LEU A 73 -8.04 5.77 -17.81
C LEU A 73 -8.05 6.85 -18.88
N ASN A 74 -9.12 6.92 -19.67
CA ASN A 74 -9.21 7.96 -20.71
C ASN A 74 -9.18 9.35 -20.08
N GLU A 75 -9.87 9.52 -18.95
CA GLU A 75 -9.87 10.82 -18.29
C GLU A 75 -8.46 11.20 -17.82
N LEU A 76 -7.72 10.25 -17.27
CA LEU A 76 -6.35 10.55 -16.85
C LEU A 76 -5.46 10.87 -18.06
N LEU A 77 -5.50 10.03 -19.08
CA LEU A 77 -4.65 10.26 -20.24
C LEU A 77 -4.96 11.60 -20.90
N ASP A 78 -6.25 11.93 -21.04
CA ASP A 78 -6.63 13.22 -21.64
C ASP A 78 -6.09 14.39 -20.84
N SER A 79 -5.96 14.24 -19.51
CA SER A 79 -5.50 15.33 -18.67
CA SER A 79 -5.50 15.34 -18.68
C SER A 79 -4.02 15.65 -18.88
N PHE A 80 -3.27 14.79 -19.56
CA PHE A 80 -1.89 15.09 -19.89
C PHE A 80 -1.72 15.71 -21.26
N GLY A 81 -2.82 15.97 -21.97
CA GLY A 81 -2.75 16.82 -23.14
C GLY A 81 -1.82 16.24 -24.21
N LYS A 82 -0.87 17.05 -24.64
CA LYS A 82 0.02 16.66 -25.72
C LYS A 82 1.35 16.12 -25.23
N ALA A 83 1.49 15.87 -23.93
CA ALA A 83 2.70 15.26 -23.41
C ALA A 83 2.86 13.85 -23.99
N ASP A 84 4.12 13.40 -24.06
CA ASP A 84 4.37 11.98 -24.27
C ASP A 84 4.18 11.25 -22.95
N ILE A 85 3.33 10.22 -22.98
CA ILE A 85 2.91 9.48 -21.79
C ILE A 85 3.47 8.07 -21.90
N TYR A 86 4.16 7.63 -20.85
CA TYR A 86 4.79 6.32 -20.82
C TYR A 86 3.97 5.51 -19.83
N LEU A 87 3.16 4.60 -20.36
CA LEU A 87 2.12 3.93 -19.60
C LEU A 87 2.56 2.51 -19.34
N VAL A 88 2.68 2.15 -18.05
CA VAL A 88 3.32 0.90 -17.66
C VAL A 88 2.27 -0.17 -17.42
N SER A 89 2.44 -1.33 -18.07
CA SER A 89 1.56 -2.45 -17.76
C SER A 89 1.92 -3.03 -16.39
N ILE A 90 0.98 -3.77 -15.82
CA ILE A 90 1.08 -4.19 -14.43
C ILE A 90 1.29 -5.70 -14.35
N ARG A 91 1.93 -6.13 -13.26
CA ARG A 91 2.00 -7.55 -12.95
C ARG A 91 1.68 -7.68 -11.47
N VAL A 92 0.52 -8.28 -11.17
CA VAL A 92 0.05 -8.39 -9.80
C VAL A 92 -0.90 -9.59 -9.74
N PRO A 93 -0.82 -10.43 -8.71
CA PRO A 93 -1.71 -11.60 -8.58
C PRO A 93 -3.11 -11.20 -8.10
N ARG A 94 -3.85 -10.56 -9.01
CA ARG A 94 -5.21 -10.12 -8.77
C ARG A 94 -6.07 -10.54 -9.96
N ASP A 95 -7.35 -10.81 -9.70
CA ASP A 95 -8.21 -11.30 -10.76
C ASP A 95 -8.40 -10.28 -11.88
N TYR A 96 -8.15 -9.00 -11.61
CA TYR A 96 -8.37 -7.96 -12.60
C TYR A 96 -7.15 -7.68 -13.48
N GLU A 97 -6.03 -8.38 -13.26
CA GLU A 97 -4.78 -8.04 -13.91
C GLU A 97 -4.93 -8.01 -15.44
N GLY A 98 -5.52 -9.06 -16.01
CA GLY A 98 -5.65 -9.13 -17.46
C GLY A 98 -6.55 -8.05 -18.03
N ARG A 99 -7.67 -7.77 -17.35
CA ARG A 99 -8.60 -6.75 -17.81
C ARG A 99 -7.95 -5.37 -17.81
N ILE A 100 -7.18 -5.06 -16.77
CA ILE A 100 -6.55 -3.74 -16.69
C ILE A 100 -5.42 -3.63 -17.70
N ASN A 101 -4.64 -4.72 -17.88
CA ASN A 101 -3.59 -4.65 -18.90
C ASN A 101 -4.18 -4.49 -20.29
N LYS A 102 -5.34 -5.12 -20.54
CA LYS A 102 -6.02 -4.90 -21.82
C LYS A 102 -6.32 -3.43 -22.02
N LEU A 103 -6.81 -2.75 -20.97
CA LEU A 103 -7.06 -1.31 -21.09
C LEU A 103 -5.77 -0.55 -21.41
N ILE A 104 -4.66 -0.93 -20.77
CA ILE A 104 -3.39 -0.26 -20.97
C ILE A 104 -2.88 -0.49 -22.39
N TYR A 105 -2.93 -1.75 -22.86
CA TYR A 105 -2.51 -2.04 -24.23
C TYR A 105 -3.36 -1.30 -25.24
N GLU A 106 -4.67 -1.22 -24.98
CA GLU A 106 -5.57 -0.57 -25.94
C GLU A 106 -5.32 0.93 -26.00
N ALA A 107 -5.05 1.57 -24.87
CA ALA A 107 -4.76 2.99 -24.89
C ALA A 107 -3.45 3.28 -25.60
N ALA A 108 -2.43 2.46 -25.36
CA ALA A 108 -1.17 2.66 -26.07
C ALA A 108 -1.33 2.42 -27.57
N ALA A 109 -2.18 1.48 -27.96
CA ALA A 109 -2.41 1.22 -29.37
C ALA A 109 -3.07 2.40 -30.05
N ALA A 110 -4.10 2.97 -29.43
CA ALA A 110 -4.94 3.94 -30.10
C ALA A 110 -4.39 5.35 -30.04
N ARG A 111 -3.57 5.67 -29.04
CA ARG A 111 -3.12 7.04 -28.81
C ARG A 111 -1.66 7.19 -29.23
N SER A 112 -1.41 8.16 -30.12
CA SER A 112 -0.07 8.30 -30.69
C SER A 112 0.92 8.82 -29.66
N ASN A 113 0.45 9.52 -28.63
CA ASN A 113 1.33 10.05 -27.59
C ASN A 113 1.45 9.13 -26.37
N VAL A 114 0.86 7.94 -26.40
CA VAL A 114 0.96 6.99 -25.29
C VAL A 114 1.89 5.87 -25.74
N HIS A 115 2.95 5.65 -24.97
CA HIS A 115 4.00 4.72 -25.33
C HIS A 115 4.01 3.62 -24.28
N LEU A 116 3.81 2.38 -24.72
CA LEU A 116 3.73 1.25 -23.79
C LEU A 116 5.08 0.95 -23.15
N VAL A 117 5.08 0.83 -21.82
CA VAL A 117 6.20 0.28 -21.07
C VAL A 117 5.71 -1.07 -20.58
N ASP A 118 6.09 -2.15 -21.28
CA ASP A 118 5.42 -3.44 -21.07
C ASP A 118 6.15 -4.25 -19.99
N TRP A 119 5.97 -3.78 -18.77
CA TRP A 119 6.54 -4.45 -17.59
C TRP A 119 5.99 -5.86 -17.43
N TYR A 120 4.71 -6.06 -17.72
CA TYR A 120 4.13 -7.40 -17.62
C TYR A 120 4.93 -8.39 -18.45
N LYS A 121 5.15 -8.06 -19.73
CA LYS A 121 5.87 -8.97 -20.61
C LYS A 121 7.34 -9.06 -20.21
N ALA A 122 7.97 -7.92 -19.89
CA ALA A 122 9.41 -7.91 -19.62
C ALA A 122 9.75 -8.72 -18.38
N SER A 123 8.85 -8.73 -17.40
CA SER A 123 9.12 -9.41 -16.13
C SER A 123 8.65 -10.85 -16.11
N ALA A 124 8.14 -11.38 -17.23
CA ALA A 124 7.57 -12.73 -17.24
C ALA A 124 8.58 -13.77 -16.76
N GLY A 125 9.84 -13.60 -17.10
CA GLY A 125 10.83 -14.60 -16.71
C GLY A 125 11.55 -14.30 -15.41
N HIS A 126 11.03 -13.39 -14.59
CA HIS A 126 11.78 -12.84 -13.44
C HIS A 126 11.01 -12.92 -12.13
N PRO A 127 10.80 -14.11 -11.59
CA PRO A 127 10.17 -14.21 -10.26
C PRO A 127 10.95 -13.48 -9.18
N GLU A 128 12.27 -13.34 -9.34
CA GLU A 128 13.09 -12.66 -8.34
C GLU A 128 12.85 -11.16 -8.29
N TYR A 129 12.03 -10.60 -9.18
CA TYR A 129 11.68 -9.19 -9.09
C TYR A 129 10.58 -8.91 -8.07
N PHE A 130 9.88 -9.93 -7.59
CA PHE A 130 8.63 -9.74 -6.85
C PHE A 130 8.72 -10.34 -5.46
N ALA A 131 8.41 -9.52 -4.46
CA ALA A 131 8.39 -9.97 -3.07
C ALA A 131 7.21 -10.92 -2.83
N TYR A 132 7.22 -11.54 -1.65
CA TYR A 132 6.28 -12.60 -1.34
C TYR A 132 4.83 -12.13 -1.30
N ASP A 133 4.58 -10.83 -1.15
CA ASP A 133 3.20 -10.35 -1.12
C ASP A 133 2.66 -10.08 -2.50
N GLY A 134 3.47 -10.27 -3.54
CA GLY A 134 3.09 -10.02 -4.92
C GLY A 134 2.94 -8.56 -5.28
N ILE A 135 3.20 -7.65 -4.34
CA ILE A 135 2.96 -6.22 -4.52
C ILE A 135 4.26 -5.45 -4.52
N HIS A 136 5.07 -5.62 -3.48
CA HIS A 136 6.34 -4.95 -3.34
C HIS A 136 7.35 -5.51 -4.32
N LEU A 137 8.09 -4.63 -4.98
CA LEU A 137 9.18 -5.06 -5.85
C LEU A 137 10.43 -5.31 -5.01
N GLU A 138 11.05 -6.46 -5.20
CA GLU A 138 12.42 -6.62 -4.73
C GLU A 138 13.29 -5.54 -5.38
N TYR A 139 14.41 -5.21 -4.73
CA TYR A 139 15.25 -4.13 -5.24
C TYR A 139 15.68 -4.39 -6.68
N ALA A 140 15.98 -5.66 -7.01
CA ALA A 140 16.33 -6.00 -8.38
C ALA A 140 15.20 -5.69 -9.35
N GLY A 141 13.95 -5.86 -8.92
CA GLY A 141 12.82 -5.50 -9.75
C GLY A 141 12.73 -4.00 -9.95
N SER A 142 12.97 -3.22 -8.90
CA SER A 142 12.90 -1.76 -9.02
C SER A 142 13.97 -1.25 -9.97
N LYS A 143 15.17 -1.83 -9.90
CA LYS A 143 16.23 -1.46 -10.84
C LYS A 143 15.83 -1.80 -12.27
N ALA A 144 15.25 -2.99 -12.48
CA ALA A 144 14.87 -3.41 -13.82
C ALA A 144 13.76 -2.54 -14.39
N LEU A 145 12.74 -2.24 -13.58
CA LEU A 145 11.63 -1.42 -14.06
C LEU A 145 12.14 -0.02 -14.38
N THR A 146 12.99 0.53 -13.53
CA THR A 146 13.59 1.83 -13.79
C THR A 146 14.29 1.84 -15.16
N ASP A 147 15.12 0.84 -15.43
CA ASP A 147 15.87 0.82 -16.70
C ASP A 147 14.92 0.68 -17.88
N LEU A 148 13.86 -0.10 -17.70
CA LEU A 148 12.88 -0.30 -18.77
C LEU A 148 12.15 1.00 -19.09
N ILE A 149 11.73 1.73 -18.06
CA ILE A 149 11.09 3.02 -18.29
C ILE A 149 12.05 3.97 -19.01
N VAL A 150 13.28 4.09 -18.49
CA VAL A 150 14.25 5.01 -19.08
C VAL A 150 14.50 4.66 -20.55
N LYS A 151 14.68 3.37 -20.84
CA LYS A 151 14.94 2.96 -22.22
C LYS A 151 13.77 3.30 -23.12
N THR A 152 12.54 3.13 -22.63
CA THR A 152 11.37 3.50 -23.43
C THR A 152 11.34 5.00 -23.68
N MET A 153 11.68 5.80 -22.67
CA MET A 153 11.66 7.25 -22.82
C MET A 153 12.73 7.73 -23.80
N GLU A 154 13.86 7.03 -23.87
CA GLU A 154 14.93 7.38 -24.79
C GLU A 154 14.62 7.02 -26.23
N THR A 155 13.67 6.11 -26.46
CA THR A 155 13.37 5.59 -27.79
C THR A 155 11.93 5.81 -28.25
N HIS A 156 10.99 6.02 -27.33
CA HIS A 156 9.58 6.35 -27.60
C HIS A 156 8.69 5.19 -28.02
N ALA A 157 7.50 5.57 -28.48
CA ALA A 157 6.71 4.80 -29.41
C ALA A 157 6.86 5.51 -30.73
N PRO B 5 -9.12 -15.54 15.71
CA PRO B 5 -9.26 -14.08 15.66
C PRO B 5 -9.53 -13.50 14.29
N LEU B 6 -10.12 -12.31 14.29
CA LEU B 6 -10.19 -11.46 13.12
C LEU B 6 -8.97 -10.55 13.12
N LEU B 7 -8.27 -10.48 11.99
CA LEU B 7 -7.11 -9.60 11.82
C LEU B 7 -7.46 -8.61 10.72
N ILE B 8 -7.53 -7.34 11.05
CA ILE B 8 -7.94 -6.31 10.09
C ILE B 8 -6.87 -5.23 10.03
N GLY B 9 -6.47 -4.85 8.82
CA GLY B 9 -5.43 -3.86 8.71
C GLY B 9 -5.09 -3.47 7.29
N ASP B 10 -3.94 -2.81 7.17
CA ASP B 10 -3.51 -2.25 5.91
C ASP B 10 -2.41 -3.11 5.27
N SER B 11 -1.44 -2.50 4.59
CA SER B 11 -0.40 -3.30 3.92
C SER B 11 0.35 -4.18 4.90
N VAL B 12 0.48 -3.78 6.17
CA VAL B 12 1.18 -4.61 7.14
C VAL B 12 0.41 -5.90 7.37
N MET B 13 -0.92 -5.83 7.40
CA MET B 13 -1.71 -7.04 7.53
C MET B 13 -1.59 -7.92 6.30
N VAL B 14 -1.56 -7.32 5.10
CA VAL B 14 -1.31 -8.11 3.90
C VAL B 14 0.00 -8.87 4.06
N ASP B 15 1.02 -8.21 4.61
CA ASP B 15 2.33 -8.83 4.69
C ASP B 15 2.33 -10.03 5.63
N ILE B 16 1.63 -9.93 6.77
CA ILE B 16 1.77 -10.98 7.78
C ILE B 16 0.72 -12.08 7.66
N GLY B 17 -0.26 -11.93 6.77
CA GLY B 17 -1.45 -12.78 6.81
C GLY B 17 -1.15 -14.27 6.74
N ASN B 18 -0.31 -14.67 5.79
CA ASN B 18 -0.05 -16.10 5.60
C ASN B 18 0.86 -16.66 6.68
N VAL B 19 1.91 -15.93 7.06
CA VAL B 19 2.72 -16.33 8.20
C VAL B 19 1.86 -16.51 9.44
N PHE B 20 0.92 -15.59 9.65
CA PHE B 20 0.11 -15.64 10.86
C PHE B 20 -0.76 -16.89 10.90
N THR B 21 -1.36 -17.25 9.77
CA THR B 21 -2.24 -18.41 9.74
C THR B 21 -1.50 -19.71 9.96
N LYS B 22 -0.18 -19.76 9.71
CA LYS B 22 0.55 -20.98 10.04
C LYS B 22 0.66 -21.16 11.55
N LYS B 23 0.68 -20.06 12.31
CA LYS B 23 0.76 -20.13 13.77
C LYS B 23 -0.61 -20.28 14.41
N ILE B 24 -1.61 -19.56 13.90
CA ILE B 24 -2.99 -19.66 14.35
C ILE B 24 -3.83 -20.06 13.15
N PRO B 25 -4.05 -21.36 12.93
CA PRO B 25 -4.55 -21.82 11.62
C PRO B 25 -5.95 -21.37 11.26
N ASN B 26 -6.79 -20.95 12.20
CA ASN B 26 -8.16 -20.58 11.88
CA ASN B 26 -8.17 -20.58 11.90
C ASN B 26 -8.38 -19.06 11.86
N ALA B 27 -7.30 -18.29 11.79
CA ALA B 27 -7.40 -16.83 11.77
C ALA B 27 -8.07 -16.35 10.48
N GLN B 28 -8.84 -15.27 10.60
CA GLN B 28 -9.49 -14.64 9.46
C GLN B 28 -8.75 -13.34 9.15
N ILE B 29 -8.13 -13.28 7.95
CA ILE B 29 -7.26 -12.16 7.56
C ILE B 29 -8.04 -11.23 6.64
N ASP B 30 -8.08 -9.95 6.99
CA ASP B 30 -8.67 -8.90 6.14
C ASP B 30 -7.65 -7.76 6.06
N GLY B 31 -6.74 -7.85 5.10
CA GLY B 31 -5.74 -6.84 4.88
C GLY B 31 -5.93 -6.20 3.52
N LYS B 32 -5.57 -4.92 3.44
CA LYS B 32 -5.72 -4.19 2.18
C LYS B 32 -4.68 -3.09 2.10
N VAL B 33 -3.85 -3.14 1.06
CA VAL B 33 -2.83 -2.11 0.87
C VAL B 33 -3.50 -0.75 0.74
N GLY B 34 -3.05 0.21 1.55
CA GLY B 34 -3.54 1.57 1.49
C GLY B 34 -4.79 1.84 2.31
N ARG B 35 -5.29 0.85 3.04
CA ARG B 35 -6.51 1.05 3.82
C ARG B 35 -6.24 2.06 4.94
N GLN B 36 -7.10 3.07 5.03
CA GLN B 36 -7.07 4.05 6.12
C GLN B 36 -7.96 3.57 7.26
N LEU B 37 -7.58 3.92 8.49
CA LEU B 37 -8.34 3.45 9.65
C LEU B 37 -9.80 3.85 9.57
N VAL B 38 -10.08 5.08 9.16
CA VAL B 38 -11.46 5.57 9.11
C VAL B 38 -12.33 4.71 8.21
N ASP B 39 -11.73 4.01 7.23
CA ASP B 39 -12.49 3.13 6.35
C ASP B 39 -12.64 1.72 6.91
N ALA B 40 -11.93 1.39 7.98
CA ALA B 40 -12.15 0.09 8.62
C ALA B 40 -13.46 0.06 9.38
N THR B 41 -13.82 1.18 10.00
CA THR B 41 -14.97 1.19 10.90
C THR B 41 -16.27 0.81 10.20
N PRO B 42 -16.59 1.29 8.99
CA PRO B 42 -17.80 0.80 8.31
C PRO B 42 -17.75 -0.68 8.00
N ILE B 43 -16.57 -1.23 7.71
CA ILE B 43 -16.43 -2.66 7.45
C ILE B 43 -16.77 -3.45 8.70
N VAL B 44 -16.25 -3.01 9.86
CA VAL B 44 -16.51 -3.72 11.12
C VAL B 44 -17.98 -3.65 11.48
N LYS B 45 -18.61 -2.48 11.31
CA LYS B 45 -19.98 -2.29 11.75
C LYS B 45 -20.97 -3.14 10.97
N SER B 46 -20.68 -3.43 9.70
CA SER B 46 -21.61 -4.17 8.85
C SER B 46 -21.21 -5.62 8.65
N GLN B 47 -19.91 -5.92 8.53
CA GLN B 47 -19.46 -7.25 8.15
C GLN B 47 -18.99 -8.10 9.33
N TYR B 48 -18.59 -7.48 10.44
CA TYR B 48 -17.91 -8.20 11.51
C TYR B 48 -18.61 -8.01 12.86
N LYS B 49 -19.94 -7.96 12.86
CA LYS B 49 -20.67 -7.80 14.12
C LYS B 49 -20.50 -9.02 15.02
N ASP B 50 -20.32 -10.21 14.44
CA ASP B 50 -20.13 -11.41 15.25
C ASP B 50 -18.83 -11.39 16.04
N TYR B 51 -17.90 -10.51 15.70
CA TYR B 51 -16.65 -10.39 16.43
C TYR B 51 -16.72 -9.37 17.56
N ALA B 52 -17.76 -8.53 17.58
CA ALA B 52 -17.89 -7.48 18.60
C ALA B 52 -18.58 -8.01 19.86
N LYS B 53 -18.05 -9.10 20.42
CA LYS B 53 -18.66 -9.78 21.55
C LYS B 53 -17.58 -10.23 22.52
N LYS B 54 -17.96 -10.33 23.80
CA LYS B 54 -17.06 -10.87 24.81
C LYS B 54 -16.59 -12.26 24.40
N GLY B 55 -15.30 -12.53 24.58
CA GLY B 55 -14.72 -13.81 24.24
C GLY B 55 -14.14 -13.91 22.84
N GLN B 56 -14.48 -12.96 21.96
CA GLN B 56 -13.86 -12.90 20.64
C GLN B 56 -12.59 -12.07 20.69
N LYS B 57 -11.77 -12.20 19.66
CA LYS B 57 -10.49 -11.51 19.59
C LYS B 57 -10.32 -10.89 18.22
N VAL B 58 -9.86 -9.63 18.20
CA VAL B 58 -9.61 -8.89 16.98
CA VAL B 58 -9.62 -8.90 16.97
C VAL B 58 -8.24 -8.24 17.08
N VAL B 59 -7.48 -8.30 15.99
CA VAL B 59 -6.17 -7.65 15.91
C VAL B 59 -6.34 -6.47 14.94
N VAL B 60 -5.92 -5.29 15.37
CA VAL B 60 -6.04 -4.06 14.59
C VAL B 60 -4.64 -3.60 14.21
N GLU B 61 -4.40 -3.48 12.89
CA GLU B 61 -3.07 -3.24 12.32
C GLU B 61 -3.24 -2.09 11.33
N LEU B 62 -3.30 -0.86 11.84
CA LEU B 62 -3.64 0.29 11.03
C LEU B 62 -2.77 1.48 11.40
N GLY B 63 -2.56 2.37 10.43
CA GLY B 63 -1.76 3.56 10.62
C GLY B 63 -0.50 3.61 9.79
N THR B 64 0.01 2.45 9.36
CA THR B 64 1.23 2.46 8.56
C THR B 64 1.00 3.18 7.24
N ASN B 65 -0.16 2.95 6.62
CA ASN B 65 -0.45 3.54 5.32
C ASN B 65 -1.15 4.89 5.41
N GLY B 66 -1.31 5.47 6.60
CA GLY B 66 -1.95 6.77 6.71
C GLY B 66 -2.28 7.17 8.14
N ALA B 67 -2.20 8.46 8.43
CA ALA B 67 -2.50 8.96 9.76
C ALA B 67 -4.00 8.84 10.05
N PHE B 68 -4.34 8.87 11.33
CA PHE B 68 -5.72 8.88 11.76
C PHE B 68 -5.83 9.74 13.03
N THR B 69 -7.06 10.07 13.39
CA THR B 69 -7.32 10.97 14.51
C THR B 69 -7.75 10.19 15.75
N LYS B 70 -7.74 10.90 16.88
CA LYS B 70 -8.20 10.34 18.14
C LYS B 70 -9.63 9.84 18.03
N ASP B 71 -10.52 10.66 17.47
CA ASP B 71 -11.92 10.25 17.37
C ASP B 71 -12.11 9.08 16.42
N GLN B 72 -11.37 9.05 15.31
CA GLN B 72 -11.47 7.92 14.38
C GLN B 72 -11.08 6.62 15.06
N LEU B 73 -9.98 6.63 15.82
CA LEU B 73 -9.57 5.42 16.52
C LEU B 73 -10.62 5.01 17.55
N ASN B 74 -11.18 5.98 18.28
CA ASN B 74 -12.20 5.65 19.27
C ASN B 74 -13.42 5.02 18.60
N GLU B 75 -13.78 5.50 17.41
CA GLU B 75 -14.94 4.96 16.72
C GLU B 75 -14.71 3.52 16.33
N LEU B 76 -13.49 3.20 15.87
CA LEU B 76 -13.15 1.82 15.52
C LEU B 76 -13.17 0.93 16.75
N LEU B 77 -12.45 1.33 17.81
CA LEU B 77 -12.37 0.50 19.00
C LEU B 77 -13.74 0.26 19.62
N ASP B 78 -14.59 1.30 19.63
CA ASP B 78 -15.94 1.15 20.15
C ASP B 78 -16.74 0.13 19.34
N SER B 79 -16.49 0.04 18.04
CA SER B 79 -17.26 -0.86 17.19
CA SER B 79 -17.26 -0.85 17.17
C SER B 79 -16.98 -2.33 17.46
N PHE B 80 -15.98 -2.65 18.27
CA PHE B 80 -15.68 -4.02 18.64
C PHE B 80 -16.28 -4.44 19.96
N GLY B 81 -17.00 -3.54 20.64
CA GLY B 81 -17.70 -3.92 21.86
C GLY B 81 -16.77 -4.52 22.88
N LYS B 82 -17.22 -5.61 23.51
CA LYS B 82 -16.47 -6.22 24.60
C LYS B 82 -15.43 -7.24 24.12
N ALA B 83 -15.19 -7.33 22.81
CA ALA B 83 -14.12 -8.18 22.32
C ALA B 83 -12.78 -7.76 22.92
N ASP B 84 -11.86 -8.71 23.04
CA ASP B 84 -10.48 -8.34 23.32
C ASP B 84 -9.83 -7.87 22.03
N ILE B 85 -9.24 -6.68 22.08
CA ILE B 85 -8.67 -6.00 20.92
C ILE B 85 -7.16 -5.96 21.10
N TYR B 86 -6.44 -6.37 20.06
CA TYR B 86 -4.98 -6.40 20.09
C TYR B 86 -4.55 -5.32 19.11
N LEU B 87 -4.12 -4.19 19.66
CA LEU B 87 -3.89 -2.96 18.90
C LEU B 87 -2.39 -2.78 18.71
N VAL B 88 -1.94 -2.72 17.46
CA VAL B 88 -0.52 -2.78 17.14
C VAL B 88 0.02 -1.37 16.91
N SER B 89 1.07 -1.00 17.64
CA SER B 89 1.75 0.27 17.36
C SER B 89 2.49 0.16 16.03
N ILE B 90 2.83 1.31 15.46
CA ILE B 90 3.34 1.33 14.09
C ILE B 90 4.80 1.79 14.09
N ARG B 91 5.51 1.39 13.04
CA ARG B 91 6.85 1.90 12.77
C ARG B 91 6.90 2.21 11.28
N VAL B 92 7.02 3.50 10.97
CA VAL B 92 6.98 3.93 9.57
C VAL B 92 7.72 5.25 9.46
N PRO B 93 8.49 5.47 8.39
CA PRO B 93 9.21 6.76 8.21
C PRO B 93 8.27 7.88 7.76
N ARG B 94 7.41 8.30 8.68
CA ARG B 94 6.47 9.39 8.46
C ARG B 94 6.51 10.34 9.65
N ASP B 95 6.25 11.63 9.37
CA ASP B 95 6.25 12.62 10.42
C ASP B 95 5.19 12.36 11.49
N TYR B 96 4.14 11.60 11.15
CA TYR B 96 3.02 11.40 12.07
C TYR B 96 3.19 10.19 12.98
N GLU B 97 4.29 9.45 12.82
CA GLU B 97 4.49 8.20 13.55
C GLU B 97 4.31 8.37 15.06
N GLY B 98 5.01 9.35 15.64
CA GLY B 98 4.93 9.54 17.08
C GLY B 98 3.54 9.93 17.54
N ARG B 99 2.87 10.81 16.80
CA ARG B 99 1.53 11.24 17.18
C ARG B 99 0.55 10.08 17.17
N ILE B 100 0.62 9.23 16.15
CA ILE B 100 -0.32 8.11 16.04
C ILE B 100 -0.02 7.05 17.10
N ASN B 101 1.26 6.81 17.40
CA ASN B 101 1.56 5.85 18.45
C ASN B 101 1.11 6.36 19.82
N LYS B 102 1.18 7.67 20.06
CA LYS B 102 0.65 8.22 21.30
C LYS B 102 -0.86 7.94 21.40
N LEU B 103 -1.60 8.10 20.30
CA LEU B 103 -3.01 7.75 20.28
C LEU B 103 -3.22 6.28 20.61
N ILE B 104 -2.38 5.40 20.05
CA ILE B 104 -2.51 3.98 20.30
C ILE B 104 -2.19 3.67 21.77
N TYR B 105 -1.09 4.21 22.29
CA TYR B 105 -0.72 3.97 23.69
C TYR B 105 -1.80 4.48 24.64
N GLU B 106 -2.35 5.67 24.36
CA GLU B 106 -3.39 6.22 25.24
CA GLU B 106 -3.37 6.22 25.25
C GLU B 106 -4.65 5.38 25.20
N ALA B 107 -5.02 4.88 24.01
CA ALA B 107 -6.23 4.07 23.90
C ALA B 107 -6.08 2.77 24.69
N ALA B 108 -4.91 2.14 24.59
CA ALA B 108 -4.67 0.93 25.38
C ALA B 108 -4.71 1.23 26.88
N ALA B 109 -4.15 2.37 27.27
CA ALA B 109 -4.12 2.71 28.70
C ALA B 109 -5.52 2.98 29.25
N ALA B 110 -6.44 3.40 28.39
CA ALA B 110 -7.76 3.81 28.83
C ALA B 110 -8.77 2.68 28.84
N ARG B 111 -8.51 1.59 28.11
CA ARG B 111 -9.51 0.58 27.80
C ARG B 111 -9.04 -0.78 28.31
N SER B 112 -9.83 -1.38 29.20
CA SER B 112 -9.42 -2.64 29.80
CA SER B 112 -9.46 -2.66 29.81
C SER B 112 -9.39 -3.80 28.81
N ASN B 113 -10.06 -3.67 27.66
CA ASN B 113 -10.10 -4.72 26.66
C ASN B 113 -9.19 -4.46 25.48
N VAL B 114 -8.39 -3.40 25.52
CA VAL B 114 -7.44 -3.11 24.45
C VAL B 114 -6.05 -3.48 24.95
N HIS B 115 -5.39 -4.39 24.22
CA HIS B 115 -4.09 -4.92 24.60
C HIS B 115 -3.05 -4.44 23.60
N LEU B 116 -2.08 -3.67 24.09
CA LEU B 116 -1.07 -3.10 23.20
C LEU B 116 -0.13 -4.19 22.71
N VAL B 117 0.03 -4.26 21.39
CA VAL B 117 1.06 -5.07 20.75
C VAL B 117 2.11 -4.07 20.29
N ASP B 118 3.20 -3.91 21.07
CA ASP B 118 4.08 -2.76 20.87
C ASP B 118 5.15 -3.13 19.85
N TRP B 119 4.74 -3.15 18.59
CA TRP B 119 5.64 -3.42 17.48
C TRP B 119 6.70 -2.34 17.33
N TYR B 120 6.34 -1.07 17.58
CA TYR B 120 7.37 -0.02 17.56
C TYR B 120 8.55 -0.38 18.46
N LYS B 121 8.26 -0.73 19.72
CA LYS B 121 9.32 -1.07 20.66
C LYS B 121 10.07 -2.34 20.24
N ALA B 122 9.31 -3.37 19.83
CA ALA B 122 9.91 -4.66 19.51
C ALA B 122 10.80 -4.59 18.27
N SER B 123 10.42 -3.77 17.29
CA SER B 123 11.17 -3.71 16.06
C SER B 123 12.34 -2.73 16.12
N ALA B 124 12.46 -1.94 17.18
CA ALA B 124 13.62 -1.06 17.31
C ALA B 124 14.90 -1.87 17.24
N GLY B 125 15.83 -1.44 16.39
CA GLY B 125 17.10 -2.13 16.29
C GLY B 125 17.10 -3.32 15.36
N HIS B 126 16.04 -3.51 14.57
CA HIS B 126 15.94 -4.65 13.66
C HIS B 126 15.72 -4.17 12.23
N PRO B 127 16.75 -3.62 11.58
CA PRO B 127 16.57 -3.20 10.16
C PRO B 127 16.15 -4.34 9.27
N GLU B 128 16.51 -5.57 9.62
CA GLU B 128 16.21 -6.72 8.79
C GLU B 128 14.72 -7.06 8.75
N TYR B 129 13.90 -6.43 9.59
CA TYR B 129 12.45 -6.62 9.53
C TYR B 129 11.81 -5.84 8.37
N PHE B 130 12.51 -4.83 7.84
CA PHE B 130 11.90 -3.82 6.99
C PHE B 130 12.58 -3.76 5.64
N ALA B 131 11.79 -3.66 4.57
CA ALA B 131 12.35 -3.54 3.24
C ALA B 131 12.82 -2.11 2.97
N TYR B 132 13.48 -1.91 1.82
CA TYR B 132 14.10 -0.63 1.48
C TYR B 132 13.09 0.50 1.32
N ASP B 133 11.80 0.18 1.16
CA ASP B 133 10.79 1.23 1.00
C ASP B 133 10.23 1.71 2.33
N GLY B 134 10.68 1.11 3.43
CA GLY B 134 10.23 1.48 4.76
C GLY B 134 8.81 1.09 5.10
N ILE B 135 8.15 0.35 4.21
CA ILE B 135 6.73 0.01 4.35
C ILE B 135 6.51 -1.49 4.35
N HIS B 136 7.04 -2.18 3.36
CA HIS B 136 6.91 -3.63 3.24
C HIS B 136 7.76 -4.33 4.30
N LEU B 137 7.19 -5.33 4.95
CA LEU B 137 7.95 -6.13 5.90
C LEU B 137 8.69 -7.24 5.16
N GLU B 138 9.99 -7.36 5.44
CA GLU B 138 10.69 -8.57 5.05
C GLU B 138 10.05 -9.77 5.73
N TYR B 139 10.32 -10.96 5.20
CA TYR B 139 9.80 -12.18 5.83
C TYR B 139 10.14 -12.22 7.32
N ALA B 140 11.38 -11.88 7.68
CA ALA B 140 11.76 -11.88 9.09
C ALA B 140 10.91 -10.92 9.90
N GLY B 141 10.51 -9.80 9.30
CA GLY B 141 9.64 -8.87 10.01
C GLY B 141 8.24 -9.43 10.17
N SER B 142 7.70 -10.06 9.13
CA SER B 142 6.36 -10.64 9.25
C SER B 142 6.33 -11.76 10.28
N LYS B 143 7.41 -12.55 10.35
CA LYS B 143 7.49 -13.58 11.38
C LYS B 143 7.57 -12.96 12.78
N ALA B 144 8.38 -11.92 12.95
CA ALA B 144 8.52 -11.32 14.28
C ALA B 144 7.23 -10.67 14.74
N LEU B 145 6.54 -9.95 13.85
CA LEU B 145 5.29 -9.33 14.23
C LEU B 145 4.21 -10.37 14.52
N THR B 146 4.12 -11.42 13.70
CA THR B 146 3.23 -12.52 14.00
C THR B 146 3.49 -13.08 15.40
N ASP B 147 4.76 -13.36 15.71
CA ASP B 147 5.09 -13.93 17.02
C ASP B 147 4.68 -13.00 18.15
N LEU B 148 4.88 -11.69 17.96
CA LEU B 148 4.54 -10.71 18.97
C LEU B 148 3.04 -10.64 19.20
N ILE B 149 2.25 -10.64 18.12
CA ILE B 149 0.80 -10.65 18.26
C ILE B 149 0.37 -11.88 19.03
N VAL B 150 0.88 -13.05 18.62
CA VAL B 150 0.47 -14.31 19.25
C VAL B 150 0.83 -14.29 20.73
N LYS B 151 2.03 -13.79 21.06
CA LYS B 151 2.42 -13.77 22.47
C LYS B 151 1.47 -12.91 23.29
N THR B 152 1.03 -11.78 22.71
CA THR B 152 0.07 -10.92 23.39
C THR B 152 -1.26 -11.65 23.60
N MET B 153 -1.76 -12.32 22.55
CA MET B 153 -3.01 -13.08 22.64
C MET B 153 -2.92 -14.22 23.65
N GLU B 154 -1.73 -14.80 23.82
CA GLU B 154 -1.55 -15.91 24.77
C GLU B 154 -1.62 -15.45 26.22
N THR B 155 -1.28 -14.19 26.50
CA THR B 155 -0.95 -13.79 27.86
C THR B 155 -1.84 -12.69 28.45
N HIS B 156 -2.69 -12.03 27.66
CA HIS B 156 -3.51 -10.95 28.18
C HIS B 156 -4.96 -11.39 28.41
N ALA B 157 -5.70 -10.57 29.16
CA ALA B 157 -7.14 -10.73 29.36
C ALA B 157 -7.74 -9.41 29.83
N THR B 158 -9.04 -9.23 29.58
CA THR B 158 -9.74 -8.09 30.14
C THR B 158 -9.90 -8.28 31.65
N ASN B 159 -9.54 -7.26 32.42
CA ASN B 159 -9.76 -7.27 33.87
C ASN B 159 -10.54 -6.04 34.32
#